data_2AUW
#
_entry.id   2AUW
#
_cell.length_a   54.130
_cell.length_b   157.565
_cell.length_c   85.707
_cell.angle_alpha   90.00
_cell.angle_beta   90.00
_cell.angle_gamma   90.00
#
_symmetry.space_group_name_H-M   'C 2 2 21'
#
loop_
_entity.id
_entity.type
_entity.pdbx_description
1 polymer 'hypothetical protein NE0471'
2 non-polymer GLYCEROL
3 non-polymer 'FORMIC ACID'
4 water water
#
_entity_poly.entity_id   1
_entity_poly.type   'polypeptide(L)'
_entity_poly.pdbx_seq_one_letter_code
;GH(MSE)NEYFFPKLTAVEALAPYRLRTTWSTGEVLEVDVGDILRKIPDLAPILDPEAFARVHIAEWEGSVEWFDTEFGR
DNVYAWAKEQAGEVSHE(MSE)FGDW(MSE)HRNNLSLTTAAEALGISRR(MSE)VSYYRTAHKIIPRTIWLACLGWEAT
RPETKTLPRTLPAAYAKGVSASLSGS
;
_entity_poly.pdbx_strand_id   A,B
#
# COMPACT_ATOMS: atom_id res chain seq x y z
N TYR A 6 24.84 3.47 -12.07
CA TYR A 6 23.79 4.28 -12.76
C TYR A 6 22.79 3.47 -13.59
N PHE A 7 21.89 4.18 -14.24
CA PHE A 7 20.77 3.59 -14.95
C PHE A 7 20.50 4.48 -16.12
N PHE A 8 20.51 3.89 -17.30
CA PHE A 8 20.50 4.66 -18.52
C PHE A 8 19.10 5.17 -18.94
N PRO A 9 18.09 4.29 -19.02
CA PRO A 9 16.81 4.81 -19.52
C PRO A 9 16.19 5.95 -18.68
N LYS A 10 15.54 6.89 -19.38
CA LYS A 10 14.76 7.95 -18.73
C LYS A 10 13.29 7.66 -18.90
N LEU A 11 12.55 7.81 -17.80
CA LEU A 11 11.09 7.70 -17.82
C LEU A 11 10.53 8.97 -18.45
N THR A 12 9.74 8.81 -19.51
CA THR A 12 9.15 10.01 -20.13
C THR A 12 7.64 10.13 -19.94
N ALA A 13 6.98 9.01 -19.66
CA ALA A 13 5.56 9.04 -19.30
C ALA A 13 5.20 7.90 -18.37
N VAL A 14 4.28 8.15 -17.44
CA VAL A 14 3.62 7.07 -16.74
C VAL A 14 2.11 7.35 -16.64
N GLU A 15 1.31 6.33 -16.86
N GLU A 15 1.30 6.35 -16.93
CA GLU A 15 -0.14 6.43 -16.74
CA GLU A 15 -0.14 6.44 -16.69
C GLU A 15 -0.73 5.25 -15.99
C GLU A 15 -0.64 5.26 -15.88
N ALA A 16 -1.69 5.51 -15.10
CA ALA A 16 -2.36 4.47 -14.35
C ALA A 16 -3.40 3.82 -15.23
N LEU A 17 -3.34 2.50 -15.29
CA LEU A 17 -4.40 1.71 -15.89
C LEU A 17 -5.36 1.23 -14.78
N ALA A 18 -6.00 0.09 -14.98
CA ALA A 18 -6.83 -0.52 -13.94
C ALA A 18 -5.93 -1.02 -12.81
N PRO A 19 -6.29 -0.70 -11.55
CA PRO A 19 -5.48 -1.09 -10.41
C PRO A 19 -5.03 -2.54 -10.57
N TYR A 20 -3.74 -2.81 -10.38
CA TYR A 20 -2.70 -1.82 -10.12
C TYR A 20 -1.61 -1.89 -11.19
N ARG A 21 -2.04 -1.65 -12.42
CA ARG A 21 -1.18 -1.76 -13.58
C ARG A 21 -0.82 -0.36 -14.06
N LEU A 22 0.44 -0.18 -14.48
CA LEU A 22 0.93 1.10 -14.96
C LEU A 22 1.42 0.94 -16.37
N ARG A 23 1.29 1.99 -17.17
N ARG A 23 1.31 2.02 -17.14
CA ARG A 23 1.89 2.03 -18.49
CA ARG A 23 1.87 2.06 -18.49
C ARG A 23 3.01 3.04 -18.44
C ARG A 23 3.02 3.06 -18.47
N THR A 24 4.23 2.57 -18.71
CA THR A 24 5.45 3.44 -18.67
C THR A 24 6.10 3.58 -20.04
N THR A 25 6.53 4.79 -20.35
CA THR A 25 7.12 5.10 -21.64
C THR A 25 8.53 5.64 -21.38
N TRP A 26 9.50 5.18 -22.17
CA TRP A 26 10.91 5.48 -21.87
C TRP A 26 11.64 6.17 -23.02
N SER A 27 12.78 6.77 -22.71
CA SER A 27 13.61 7.48 -23.70
C SER A 27 14.10 6.55 -24.81
N THR A 28 14.23 5.28 -24.47
CA THR A 28 14.61 4.23 -25.42
C THR A 28 13.52 3.97 -26.48
N GLY A 29 12.36 4.60 -26.32
CA GLY A 29 11.22 4.40 -27.22
C GLY A 29 10.34 3.23 -26.77
N GLU A 30 10.78 2.53 -25.73
CA GLU A 30 10.03 1.43 -25.16
C GLU A 30 8.79 1.93 -24.45
N VAL A 31 7.72 1.16 -24.58
CA VAL A 31 6.50 1.37 -23.84
C VAL A 31 6.26 0.07 -23.13
N LEU A 32 6.33 0.11 -21.81
CA LEU A 32 6.26 -1.08 -20.99
C LEU A 32 5.15 -1.01 -19.94
N GLU A 33 4.40 -2.11 -19.80
CA GLU A 33 3.41 -2.21 -18.73
C GLU A 33 4.00 -2.99 -17.56
N VAL A 34 3.48 -2.74 -16.36
CA VAL A 34 4.02 -3.31 -15.13
C VAL A 34 2.95 -3.26 -14.07
N ASP A 35 2.81 -4.36 -13.32
CA ASP A 35 1.88 -4.44 -12.21
C ASP A 35 2.64 -4.12 -10.95
N VAL A 36 2.15 -3.17 -10.19
CA VAL A 36 2.78 -2.82 -8.93
C VAL A 36 1.90 -3.20 -7.73
N GLY A 37 0.89 -4.02 -8.00
CA GLY A 37 -0.08 -4.41 -6.98
C GLY A 37 0.57 -5.11 -5.81
N ASP A 38 1.43 -6.08 -6.09
CA ASP A 38 2.09 -6.83 -5.04
C ASP A 38 2.87 -5.90 -4.10
N ILE A 39 3.66 -4.99 -4.64
CA ILE A 39 4.49 -4.16 -3.76
C ILE A 39 3.61 -3.19 -2.95
N LEU A 40 2.56 -2.66 -3.58
CA LEU A 40 1.65 -1.73 -2.85
C LEU A 40 0.95 -2.42 -1.69
N ARG A 41 0.60 -3.69 -1.85
CA ARG A 41 0.01 -4.51 -0.76
C ARG A 41 1.03 -5.00 0.28
N LYS A 42 2.27 -5.17 -0.14
N LYS A 42 2.28 -5.11 -0.14
CA LYS A 42 3.34 -5.63 0.74
CA LYS A 42 3.37 -5.64 0.67
C LYS A 42 3.78 -4.56 1.74
C LYS A 42 3.93 -4.62 1.68
N ILE A 43 4.07 -3.37 1.24
CA ILE A 43 4.68 -2.34 2.07
C ILE A 43 3.62 -1.47 2.73
N PRO A 44 3.52 -1.54 4.08
CA PRO A 44 2.41 -0.90 4.81
C PRO A 44 2.29 0.59 4.48
N ASP A 45 3.44 1.25 4.39
CA ASP A 45 3.54 2.68 4.16
C ASP A 45 2.84 3.12 2.87
N LEU A 46 2.71 2.17 1.93
CA LEU A 46 2.13 2.43 0.62
C LEU A 46 0.61 2.19 0.59
N ALA A 47 0.04 1.88 1.75
CA ALA A 47 -1.38 1.53 1.80
C ALA A 47 -2.31 2.61 1.21
N PRO A 48 -2.08 3.91 1.52
CA PRO A 48 -2.97 4.93 0.93
C PRO A 48 -3.06 4.89 -0.59
N ILE A 49 -2.07 4.28 -1.24
CA ILE A 49 -2.07 4.22 -2.70
C ILE A 49 -3.00 3.15 -3.27
N LEU A 50 -3.37 2.18 -2.44
CA LEU A 50 -4.30 1.13 -2.87
C LEU A 50 -5.71 1.66 -3.20
N ASP A 51 -6.08 2.78 -2.60
CA ASP A 51 -7.32 3.48 -2.92
C ASP A 51 -7.27 3.88 -4.39
N PRO A 52 -8.18 3.32 -5.21
CA PRO A 52 -8.23 3.49 -6.67
C PRO A 52 -8.21 4.94 -7.17
N GLU A 53 -8.67 5.88 -6.35
N GLU A 53 -8.69 5.86 -6.35
CA GLU A 53 -8.63 7.31 -6.68
CA GLU A 53 -8.63 7.30 -6.67
C GLU A 53 -7.23 7.91 -6.50
C GLU A 53 -7.19 7.79 -6.57
N ALA A 54 -6.52 7.45 -5.47
CA ALA A 54 -5.15 7.88 -5.22
C ALA A 54 -4.18 7.22 -6.20
N PHE A 55 -4.44 5.95 -6.55
CA PHE A 55 -3.63 5.24 -7.52
C PHE A 55 -3.61 5.97 -8.86
N ALA A 56 -4.81 6.36 -9.33
CA ALA A 56 -4.97 7.08 -10.59
C ALA A 56 -4.12 8.34 -10.67
N ARG A 57 -3.67 8.85 -9.53
CA ARG A 57 -2.91 10.10 -9.39
C ARG A 57 -1.42 9.99 -9.78
N VAL A 58 -0.99 8.82 -10.27
CA VAL A 58 0.44 8.55 -10.54
C VAL A 58 1.00 9.55 -11.54
N HIS A 59 2.23 9.98 -11.28
CA HIS A 59 2.95 10.89 -12.17
C HIS A 59 4.47 10.66 -12.02
N ILE A 60 5.25 11.24 -12.92
CA ILE A 60 6.70 11.34 -12.73
C ILE A 60 7.03 12.45 -11.74
N ALA A 61 7.92 12.16 -10.79
CA ALA A 61 8.45 13.15 -9.87
C ALA A 61 9.42 14.07 -10.57
N GLU A 62 9.45 15.34 -10.17
N GLU A 62 9.28 15.35 -10.27
CA GLU A 62 10.34 16.33 -10.80
CA GLU A 62 10.19 16.38 -10.76
C GLU A 62 11.86 16.02 -10.74
C GLU A 62 11.51 16.23 -10.03
N TRP A 63 12.36 15.85 -9.51
N TRP A 63 12.55 15.90 -10.79
CA TRP A 63 13.78 15.95 -9.19
CA TRP A 63 13.91 15.86 -10.30
C TRP A 63 14.57 14.70 -9.59
C TRP A 63 14.50 14.46 -10.25
N GLU A 64 13.88 13.57 -9.47
CA GLU A 64 14.48 12.24 -9.31
C GLU A 64 14.11 11.33 -10.46
N GLY A 65 13.11 11.75 -11.23
CA GLY A 65 12.59 10.95 -12.34
C GLY A 65 11.89 9.67 -11.90
N SER A 66 11.36 9.64 -10.69
CA SER A 66 10.78 8.43 -10.13
C SER A 66 9.26 8.39 -10.26
N VAL A 67 8.69 7.20 -10.07
CA VAL A 67 7.23 7.00 -10.16
C VAL A 67 6.64 7.38 -8.81
N GLU A 68 5.73 8.36 -8.82
CA GLU A 68 5.31 9.02 -7.59
C GLU A 68 3.80 9.22 -7.50
N TRP A 69 3.29 9.05 -6.28
CA TRP A 69 1.93 9.42 -5.94
C TRP A 69 2.01 10.55 -4.94
N PHE A 70 2.62 10.29 -3.79
CA PHE A 70 2.80 11.27 -2.74
C PHE A 70 4.24 11.72 -2.72
N ASP A 71 5.17 10.78 -2.61
CA ASP A 71 6.60 11.14 -2.47
C ASP A 71 7.56 10.05 -2.98
N THR A 72 7.97 10.19 -4.24
CA THR A 72 9.04 9.37 -4.85
C THR A 72 9.05 7.89 -4.41
N GLU A 73 7.90 7.22 -4.54
CA GLU A 73 7.75 5.88 -4.01
C GLU A 73 8.70 4.87 -4.67
N PHE A 74 8.78 4.89 -6.00
CA PHE A 74 9.51 3.83 -6.75
C PHE A 74 10.57 4.47 -7.67
N GLY A 75 11.83 4.10 -7.45
CA GLY A 75 12.92 4.53 -8.35
C GLY A 75 12.63 4.02 -9.75
N ARG A 76 12.90 4.83 -10.76
CA ARG A 76 12.61 4.43 -12.14
C ARG A 76 13.38 3.15 -12.56
N ASP A 77 14.54 2.92 -11.93
CA ASP A 77 15.35 1.75 -12.25
C ASP A 77 14.68 0.46 -11.79
N ASN A 78 14.10 0.49 -10.59
CA ASN A 78 13.37 -0.66 -10.06
C ASN A 78 12.12 -0.92 -10.91
N VAL A 79 11.40 0.15 -11.23
CA VAL A 79 10.20 0.03 -12.05
C VAL A 79 10.54 -0.63 -13.41
N TYR A 80 11.60 -0.15 -14.04
CA TYR A 80 12.06 -0.69 -15.34
C TYR A 80 12.41 -2.17 -15.24
N ALA A 81 13.16 -2.54 -14.21
CA ALA A 81 13.46 -3.94 -14.01
C ALA A 81 12.19 -4.83 -13.84
N TRP A 82 11.20 -4.35 -13.07
CA TRP A 82 10.02 -5.18 -12.75
C TRP A 82 9.22 -5.40 -14.05
N ALA A 83 9.17 -4.37 -14.88
CA ALA A 83 8.50 -4.44 -16.17
C ALA A 83 9.15 -5.48 -17.06
N LYS A 84 10.48 -5.47 -17.14
CA LYS A 84 11.22 -6.49 -17.87
C LYS A 84 10.97 -7.87 -17.31
N GLU A 85 11.07 -8.01 -15.99
CA GLU A 85 10.84 -9.29 -15.34
C GLU A 85 9.40 -9.81 -15.54
N GLN A 86 8.41 -8.93 -15.42
CA GLN A 86 7.02 -9.37 -15.60
C GLN A 86 6.77 -9.79 -17.04
N ALA A 87 7.56 -9.23 -17.95
CA ALA A 87 7.49 -9.54 -19.38
C ALA A 87 8.34 -10.75 -19.77
N GLY A 88 8.86 -11.47 -18.78
CA GLY A 88 9.66 -12.68 -19.07
C GLY A 88 11.08 -12.43 -19.57
N GLU A 89 11.54 -11.19 -19.47
CA GLU A 89 12.91 -10.88 -19.89
C GLU A 89 13.89 -10.78 -18.74
N VAL A 90 15.18 -10.78 -19.08
CA VAL A 90 16.23 -10.62 -18.07
C VAL A 90 16.48 -9.12 -17.82
N SER A 91 16.36 -8.70 -16.57
CA SER A 91 16.51 -7.30 -16.19
C SER A 91 17.97 -7.01 -15.80
N HIS A 92 18.32 -5.73 -15.86
CA HIS A 92 19.64 -5.26 -15.37
C HIS A 92 19.86 -5.57 -13.90
N GLU A 93 18.77 -5.75 -13.12
CA GLU A 93 18.94 -6.07 -11.70
C GLU A 93 19.34 -7.52 -11.52
N PHE A 95 21.11 -9.12 -13.68
CA PHE A 95 22.51 -9.11 -14.12
C PHE A 95 23.43 -8.54 -13.04
N GLY A 96 23.02 -7.42 -12.42
CA GLY A 96 23.70 -6.87 -11.25
C GLY A 96 23.80 -7.81 -10.06
N ASP A 97 22.73 -8.55 -9.80
CA ASP A 97 22.75 -9.54 -8.74
C ASP A 97 23.77 -10.64 -9.00
N TRP A 98 23.85 -11.08 -10.26
CA TRP A 98 24.81 -12.08 -10.70
C TRP A 98 26.24 -11.57 -10.45
N HIS A 100 27.19 -9.11 -8.22
N HIS A 100 27.20 -9.07 -8.24
CA HIS A 100 27.38 -8.89 -6.78
CA HIS A 100 27.34 -8.91 -6.80
C HIS A 100 27.60 -10.18 -5.98
C HIS A 100 27.68 -10.23 -6.10
N ARG A 101 26.78 -11.19 -6.22
CA ARG A 101 26.90 -12.50 -5.56
C ARG A 101 28.13 -13.30 -5.98
N ASN A 102 28.78 -12.90 -7.07
CA ASN A 102 30.04 -13.51 -7.52
C ASN A 102 31.26 -12.60 -7.35
N ASN A 103 31.02 -11.46 -6.70
CA ASN A 103 32.04 -10.46 -6.43
C ASN A 103 32.84 -10.09 -7.66
N LEU A 104 32.12 -9.78 -8.74
CA LEU A 104 32.74 -9.49 -10.02
C LEU A 104 32.83 -8.01 -10.23
N SER A 105 33.96 -7.57 -10.79
CA SER A 105 34.07 -6.23 -11.32
C SER A 105 33.63 -6.25 -12.78
N LEU A 106 33.59 -5.09 -13.41
CA LEU A 106 33.38 -4.98 -14.85
C LEU A 106 34.42 -5.81 -15.61
N THR A 107 35.65 -5.79 -15.10
CA THR A 107 36.72 -6.56 -15.71
C THR A 107 36.56 -8.08 -15.53
N THR A 108 36.30 -8.55 -14.32
CA THR A 108 36.17 -10.01 -14.15
C THR A 108 34.85 -10.56 -14.68
N ALA A 109 33.81 -9.73 -14.67
CA ALA A 109 32.57 -10.11 -15.37
C ALA A 109 32.82 -10.25 -16.88
N ALA A 110 33.51 -9.30 -17.46
CA ALA A 110 33.89 -9.33 -18.88
C ALA A 110 34.69 -10.60 -19.24
N GLU A 111 35.65 -10.95 -18.39
N GLU A 111 35.67 -10.95 -18.39
CA GLU A 111 36.44 -12.17 -18.59
CA GLU A 111 36.46 -12.18 -18.57
C GLU A 111 35.60 -13.43 -18.38
C GLU A 111 35.59 -13.43 -18.37
N ALA A 112 34.74 -13.41 -17.35
CA ALA A 112 33.83 -14.52 -17.05
C ALA A 112 32.99 -14.89 -18.29
N LEU A 113 32.45 -13.88 -18.98
CA LEU A 113 31.48 -14.12 -20.05
C LEU A 113 32.05 -14.15 -21.46
N GLY A 114 33.27 -13.66 -21.62
CA GLY A 114 33.88 -13.57 -22.93
C GLY A 114 33.34 -12.40 -23.73
N ILE A 115 33.00 -11.29 -23.06
CA ILE A 115 32.51 -10.09 -23.74
C ILE A 115 33.28 -8.85 -23.28
N SER A 116 33.07 -7.72 -23.92
CA SER A 116 33.87 -6.51 -23.62
C SER A 116 33.42 -5.89 -22.31
N ARG A 117 34.28 -5.08 -21.70
CA ARG A 117 33.90 -4.38 -20.47
C ARG A 117 32.73 -3.47 -20.74
N ARG A 118 32.72 -2.87 -21.93
CA ARG A 118 31.69 -1.90 -22.31
C ARG A 118 30.33 -2.59 -22.28
N VAL A 120 29.47 -5.39 -20.65
CA VAL A 120 29.09 -5.63 -19.26
C VAL A 120 28.49 -4.36 -18.63
N SER A 121 29.11 -3.21 -18.86
CA SER A 121 28.56 -1.97 -18.30
C SER A 121 27.15 -1.68 -18.86
N TYR A 122 26.98 -1.89 -20.16
CA TYR A 122 25.70 -1.67 -20.82
C TYR A 122 24.59 -2.53 -20.26
N TYR A 123 24.91 -3.79 -20.00
CA TYR A 123 23.95 -4.71 -19.43
C TYR A 123 23.58 -4.31 -18.00
N ARG A 124 24.58 -3.93 -17.20
CA ARG A 124 24.29 -3.62 -15.83
C ARG A 124 23.52 -2.28 -15.68
N THR A 125 23.71 -1.36 -16.62
CA THR A 125 23.09 -0.03 -16.54
C THR A 125 21.81 0.09 -17.36
N ALA A 126 21.38 -1.02 -17.97
CA ALA A 126 20.19 -1.07 -18.85
C ALA A 126 20.36 -0.14 -20.07
N HIS A 127 21.60 0.04 -20.49
CA HIS A 127 21.87 0.75 -21.73
C HIS A 127 21.57 -0.16 -22.92
N LYS A 128 21.64 -1.47 -22.69
CA LYS A 128 21.39 -2.41 -23.76
C LYS A 128 20.57 -3.51 -23.16
N ILE A 129 19.49 -3.91 -23.83
CA ILE A 129 18.74 -5.05 -23.31
C ILE A 129 19.59 -6.32 -23.27
N ILE A 130 19.37 -7.12 -22.24
CA ILE A 130 20.14 -8.34 -22.04
C ILE A 130 19.60 -9.50 -22.90
N PRO A 131 20.42 -9.99 -23.87
CA PRO A 131 19.99 -11.15 -24.66
C PRO A 131 19.82 -12.38 -23.78
N ARG A 132 18.87 -13.22 -24.16
CA ARG A 132 18.79 -14.56 -23.59
C ARG A 132 20.18 -15.24 -23.55
N THR A 133 20.96 -15.09 -24.62
CA THR A 133 22.27 -15.75 -24.71
C THR A 133 23.19 -15.39 -23.54
N ILE A 134 23.19 -14.11 -23.19
CA ILE A 134 24.09 -13.59 -22.15
C ILE A 134 23.66 -14.13 -20.77
N TRP A 135 22.35 -14.19 -20.52
CA TRP A 135 21.90 -14.68 -19.22
C TRP A 135 22.17 -16.19 -19.01
N LEU A 136 22.03 -16.95 -20.10
CA LEU A 136 22.37 -18.36 -20.11
C LEU A 136 23.86 -18.56 -19.80
N ALA A 137 24.70 -17.69 -20.39
CA ALA A 137 26.14 -17.63 -20.11
C ALA A 137 26.44 -17.32 -18.66
N CYS A 138 25.73 -16.36 -18.08
CA CYS A 138 25.90 -16.04 -16.65
C CYS A 138 25.65 -17.29 -15.81
N LEU A 139 24.51 -17.96 -16.02
CA LEU A 139 24.19 -19.19 -15.30
C LEU A 139 25.18 -20.32 -15.61
N GLY A 140 25.48 -20.54 -16.88
CA GLY A 140 26.53 -21.48 -17.29
C GLY A 140 27.87 -21.26 -16.58
N TRP A 141 28.26 -20.00 -16.44
CA TRP A 141 29.51 -19.66 -15.75
C TRP A 141 29.43 -20.06 -14.27
N GLU A 142 28.28 -19.77 -13.64
CA GLU A 142 28.04 -20.17 -12.26
C GLU A 142 28.03 -21.69 -12.07
N ALA A 143 27.55 -22.42 -13.07
CA ALA A 143 27.49 -23.88 -13.03
C ALA A 143 28.85 -24.60 -13.27
N THR A 144 29.85 -23.86 -13.72
CA THR A 144 31.14 -24.44 -14.07
C THR A 144 32.30 -23.96 -13.20
N ARG A 145 32.00 -23.25 -12.11
CA ARG A 145 33.04 -22.82 -11.16
C ARG A 145 33.65 -24.01 -10.41
N PRO A 146 34.95 -23.94 -10.06
CA PRO A 146 35.94 -22.87 -10.35
C PRO A 146 36.44 -22.78 -11.80
N GLU A 147 37.21 -21.73 -12.12
CA GLU A 147 37.92 -21.59 -13.41
C GLU A 147 38.93 -22.73 -13.61
N THR A 148 38.60 -23.68 -14.49
CA THR A 148 39.57 -24.70 -14.89
C THR A 148 40.46 -24.13 -16.01
N LYS A 149 41.38 -24.95 -16.55
CA LYS A 149 42.29 -24.47 -17.60
C LYS A 149 41.51 -24.04 -18.85
N THR A 150 40.50 -24.82 -19.19
CA THR A 150 39.57 -24.55 -20.30
C THR A 150 38.16 -24.94 -19.85
N LEU A 151 37.13 -24.56 -20.60
CA LEU A 151 35.74 -24.91 -20.25
C LEU A 151 35.43 -26.42 -20.42
N PRO A 152 34.56 -26.99 -19.56
CA PRO A 152 34.28 -28.44 -19.64
C PRO A 152 33.35 -28.82 -20.80
N ARG A 153 33.38 -30.09 -21.20
CA ARG A 153 32.54 -30.58 -22.29
C ARG A 153 31.12 -30.82 -21.83
N THR A 154 30.96 -31.04 -20.52
CA THR A 154 29.65 -31.23 -19.89
C THR A 154 29.56 -30.52 -18.56
N LEU A 155 28.34 -30.37 -18.07
CA LEU A 155 28.09 -29.87 -16.71
C LEU A 155 28.73 -30.84 -15.71
N PRO A 156 29.28 -30.31 -14.58
CA PRO A 156 29.89 -31.19 -13.59
C PRO A 156 28.83 -32.02 -12.87
N ASN B 4 -1.24 9.88 5.57
CA ASN B 4 -2.36 9.90 4.66
C ASN B 4 -3.31 8.79 5.03
N GLU B 5 -4.56 8.85 4.61
N GLU B 5 -4.52 8.85 4.49
CA GLU B 5 -5.41 7.77 5.07
CA GLU B 5 -5.56 7.90 4.87
C GLU B 5 -5.94 6.82 3.99
C GLU B 5 -5.69 6.72 3.89
N TYR B 6 -6.13 5.59 4.43
CA TYR B 6 -6.64 4.49 3.63
C TYR B 6 -7.67 3.85 4.56
N PHE B 7 -8.86 3.63 4.04
CA PHE B 7 -9.92 2.85 4.68
C PHE B 7 -10.27 1.67 3.76
N PHE B 8 -9.98 0.50 4.27
CA PHE B 8 -10.07 -0.72 3.48
C PHE B 8 -11.54 -1.09 3.10
N PRO B 9 -12.46 -1.18 4.07
CA PRO B 9 -13.83 -1.60 3.68
C PRO B 9 -14.56 -0.67 2.70
N LYS B 10 -15.34 -1.27 1.80
CA LYS B 10 -16.19 -0.50 0.89
C LYS B 10 -17.62 -0.67 1.36
N LEU B 11 -18.37 0.42 1.38
CA LEU B 11 -19.79 0.38 1.69
C LEU B 11 -20.52 -0.07 0.45
N THR B 12 -21.14 -1.25 0.56
CA THR B 12 -21.80 -1.87 -0.59
C THR B 12 -23.32 -1.86 -0.54
N ALA B 13 -23.93 -1.54 0.62
CA ALA B 13 -25.37 -1.36 0.72
C ALA B 13 -25.67 -0.63 2.02
N VAL B 14 -26.67 0.26 1.97
CA VAL B 14 -27.25 0.87 3.20
C VAL B 14 -28.78 0.83 3.13
N GLU B 15 -29.39 0.50 4.26
N GLU B 15 -29.41 0.46 4.24
CA GLU B 15 -30.84 0.34 4.36
CA GLU B 15 -30.86 0.45 4.30
C GLU B 15 -31.36 1.01 5.64
C GLU B 15 -31.31 1.07 5.60
N ALA B 16 -32.33 1.91 5.51
CA ALA B 16 -32.97 2.54 6.67
C ALA B 16 -33.86 1.52 7.33
N LEU B 17 -33.62 1.26 8.61
CA LEU B 17 -34.55 0.46 9.41
C LEU B 17 -35.54 1.42 10.11
N ALA B 18 -36.20 0.97 11.16
CA ALA B 18 -36.98 1.88 12.03
C ALA B 18 -36.07 3.04 12.55
N PRO B 19 -36.57 4.30 12.50
CA PRO B 19 -35.74 5.44 12.93
C PRO B 19 -35.16 5.24 14.33
N TYR B 20 -33.85 5.47 14.53
CA TYR B 20 -32.96 5.98 13.49
C TYR B 20 -31.83 5.01 13.22
N ARG B 21 -32.18 3.75 13.01
N ARG B 21 -32.19 3.77 12.99
CA ARG B 21 -31.21 2.67 12.80
CA ARG B 21 -31.21 2.73 12.75
C ARG B 21 -30.99 2.35 11.32
C ARG B 21 -30.96 2.54 11.25
N LEU B 22 -29.74 2.10 10.93
CA LEU B 22 -29.39 1.72 9.55
C LEU B 22 -28.80 0.33 9.54
N ARG B 23 -28.94 -0.39 8.41
CA ARG B 23 -28.21 -1.64 8.21
C ARG B 23 -27.20 -1.39 7.08
N THR B 24 -25.93 -1.70 7.34
CA THR B 24 -24.85 -1.36 6.38
C THR B 24 -24.18 -2.65 5.98
N THR B 25 -23.94 -2.82 4.68
CA THR B 25 -23.23 -4.00 4.16
C THR B 25 -21.92 -3.54 3.52
N TRP B 26 -20.88 -4.32 3.73
CA TRP B 26 -19.53 -3.93 3.40
C TRP B 26 -18.84 -4.99 2.54
N SER B 27 -17.85 -4.56 1.74
CA SER B 27 -16.99 -5.45 0.96
C SER B 27 -16.20 -6.50 1.78
N THR B 28 -16.22 -6.38 3.11
CA THR B 28 -15.62 -7.36 4.01
C THR B 28 -16.52 -8.56 4.26
N GLY B 29 -17.74 -8.49 3.74
CA GLY B 29 -18.79 -9.47 4.05
C GLY B 29 -19.67 -9.08 5.24
N GLU B 30 -19.20 -8.13 6.06
CA GLU B 30 -19.93 -7.73 7.27
C GLU B 30 -21.25 -7.03 6.97
N VAL B 31 -22.24 -7.32 7.79
CA VAL B 31 -23.53 -6.65 7.75
C VAL B 31 -23.71 -6.08 9.17
N LEU B 32 -23.66 -4.77 9.29
CA LEU B 32 -23.58 -4.11 10.60
C LEU B 32 -24.70 -3.10 10.72
N GLU B 33 -25.34 -3.08 11.88
CA GLU B 33 -26.37 -2.08 12.13
C GLU B 33 -25.79 -0.98 13.00
N VAL B 34 -26.37 0.20 12.88
CA VAL B 34 -25.82 1.36 13.60
C VAL B 34 -26.91 2.40 13.79
N ASP B 35 -26.93 2.97 14.98
N ASP B 35 -26.95 2.98 14.99
CA ASP B 35 -27.88 4.06 15.29
CA ASP B 35 -27.93 4.04 15.27
C ASP B 35 -27.21 5.38 14.97
C ASP B 35 -27.29 5.42 15.08
N VAL B 36 -27.91 6.24 14.24
CA VAL B 36 -27.40 7.58 13.93
C VAL B 36 -28.29 8.69 14.53
N GLY B 37 -29.25 8.31 15.36
CA GLY B 37 -30.22 9.27 15.94
C GLY B 37 -29.56 10.35 16.79
N ASP B 38 -28.64 9.93 17.63
N ASP B 38 -28.63 9.95 17.65
CA ASP B 38 -27.90 10.83 18.52
CA ASP B 38 -27.92 10.92 18.50
C ASP B 38 -27.09 11.89 17.73
C ASP B 38 -27.14 11.94 17.67
N ILE B 39 -26.35 11.46 16.71
CA ILE B 39 -25.57 12.41 15.91
C ILE B 39 -26.45 13.35 15.10
N LEU B 40 -27.51 12.83 14.46
CA LEU B 40 -28.47 13.69 13.73
C LEU B 40 -29.04 14.81 14.64
N ARG B 41 -29.41 14.45 15.87
CA ARG B 41 -29.97 15.41 16.84
C ARG B 41 -28.98 16.49 17.26
N LYS B 42 -27.69 16.20 17.14
CA LYS B 42 -26.66 17.13 17.61
C LYS B 42 -26.15 18.10 16.56
N ILE B 43 -26.62 17.94 15.33
CA ILE B 43 -26.19 18.83 14.25
C ILE B 43 -27.41 19.56 13.68
N PRO B 44 -27.62 20.83 14.07
CA PRO B 44 -28.87 21.52 13.63
C PRO B 44 -29.20 21.41 12.12
N ASP B 45 -28.19 21.47 11.27
CA ASP B 45 -28.34 21.32 9.82
C ASP B 45 -28.95 19.98 9.41
N LEU B 46 -28.83 18.95 10.27
CA LEU B 46 -29.37 17.62 9.94
C LEU B 46 -30.80 17.34 10.41
N ALA B 47 -31.45 18.35 11.00
CA ALA B 47 -32.80 18.20 11.56
C ALA B 47 -33.85 17.65 10.59
N PRO B 48 -33.85 18.09 9.32
CA PRO B 48 -34.82 17.52 8.36
C PRO B 48 -34.75 16.00 8.22
N ILE B 49 -33.59 15.40 8.48
CA ILE B 49 -33.43 13.94 8.41
C ILE B 49 -34.17 13.22 9.53
N LEU B 50 -34.49 13.95 10.60
CA LEU B 50 -35.21 13.39 11.74
C LEU B 50 -36.68 13.00 11.43
N ASP B 51 -37.21 13.57 10.35
CA ASP B 51 -38.52 13.17 9.82
C ASP B 51 -38.42 11.74 9.31
N PRO B 52 -39.30 10.83 9.80
CA PRO B 52 -39.23 9.42 9.41
C PRO B 52 -39.28 9.15 7.91
N GLU B 53 -39.97 10.01 7.17
N GLU B 53 -39.96 9.99 7.13
CA GLU B 53 -40.09 9.92 5.71
CA GLU B 53 -40.02 9.78 5.67
C GLU B 53 -38.76 10.27 5.04
C GLU B 53 -38.76 10.31 4.96
N ALA B 54 -38.12 11.31 5.56
CA ALA B 54 -36.85 11.78 5.04
C ALA B 54 -35.76 10.75 5.35
N PHE B 55 -35.74 10.25 6.59
CA PHE B 55 -34.74 9.25 7.03
C PHE B 55 -34.74 8.00 6.15
N ALA B 56 -35.95 7.55 5.79
CA ALA B 56 -36.15 6.39 4.91
C ALA B 56 -35.48 6.49 3.55
N ARG B 57 -35.11 7.70 3.15
N ARG B 57 -35.12 7.70 3.12
CA ARG B 57 -34.51 7.91 1.83
CA ARG B 57 -34.49 7.93 1.82
C ARG B 57 -32.97 7.89 1.82
C ARG B 57 -33.00 7.56 1.72
N VAL B 58 -32.37 7.30 2.87
CA VAL B 58 -30.92 7.03 2.92
C VAL B 58 -30.44 6.19 1.71
N HIS B 59 -29.27 6.56 1.19
CA HIS B 59 -28.66 5.80 0.09
C HIS B 59 -27.16 6.04 0.08
N ILE B 60 -26.43 5.38 -0.81
CA ILE B 60 -24.99 5.65 -0.95
C ILE B 60 -24.80 6.82 -1.92
N ALA B 61 -24.10 7.90 -1.50
CA ALA B 61 -23.86 9.09 -2.36
C ALA B 61 -23.18 8.74 -3.70
N GLU B 62 -23.70 9.31 -4.80
CA GLU B 62 -23.16 9.05 -6.15
C GLU B 62 -21.67 9.40 -6.15
N TRP B 63 -20.86 8.44 -6.57
CA TRP B 63 -19.40 8.60 -6.63
C TRP B 63 -18.74 8.80 -5.26
N GLU B 64 -19.18 9.81 -4.50
CA GLU B 64 -18.48 10.23 -3.28
C GLU B 64 -18.52 9.16 -2.19
N GLY B 65 -19.62 8.39 -2.12
CA GLY B 65 -19.62 7.09 -1.42
C GLY B 65 -20.08 7.12 0.04
N SER B 66 -20.38 8.30 0.54
N SER B 66 -20.39 8.32 0.53
CA SER B 66 -20.84 8.43 1.91
CA SER B 66 -20.88 8.57 1.89
C SER B 66 -22.28 7.91 2.06
C SER B 66 -22.34 8.19 2.06
N VAL B 67 -22.73 7.89 3.30
CA VAL B 67 -24.11 7.61 3.63
C VAL B 67 -24.84 8.93 3.51
N GLU B 68 -25.87 8.99 2.66
CA GLU B 68 -26.46 10.25 2.30
C GLU B 68 -27.98 10.20 2.36
N TRP B 69 -28.57 11.35 2.68
CA TRP B 69 -30.03 11.53 2.65
C TRP B 69 -30.24 12.69 1.69
N PHE B 70 -29.67 13.85 2.02
CA PHE B 70 -29.67 15.00 1.10
C PHE B 70 -28.28 15.33 0.52
N ASP B 71 -27.26 15.38 1.37
CA ASP B 71 -25.93 15.81 0.93
C ASP B 71 -24.77 15.21 1.74
N THR B 72 -24.24 14.09 1.24
CA THR B 72 -23.02 13.47 1.77
C THR B 72 -22.85 13.65 3.31
N GLU B 73 -23.86 13.29 4.08
CA GLU B 73 -23.87 13.64 5.51
C GLU B 73 -22.82 12.89 6.32
N PHE B 74 -22.72 11.57 6.15
CA PHE B 74 -21.72 10.82 6.97
C PHE B 74 -20.74 10.00 6.15
N GLY B 75 -19.44 10.27 6.32
CA GLY B 75 -18.38 9.48 5.68
C GLY B 75 -18.52 7.99 6.00
N ARG B 76 -18.29 7.13 5.01
CA ARG B 76 -18.47 5.68 5.26
C ARG B 76 -17.53 5.19 6.37
N ASP B 77 -16.34 5.77 6.47
CA ASP B 77 -15.37 5.34 7.47
C ASP B 77 -15.87 5.65 8.89
N ASN B 78 -16.44 6.84 9.09
CA ASN B 78 -17.02 7.18 10.40
C ASN B 78 -18.20 6.25 10.71
N VAL B 79 -19.06 6.01 9.72
CA VAL B 79 -20.22 5.13 9.97
C VAL B 79 -19.78 3.73 10.38
N TYR B 80 -18.77 3.21 9.69
CA TYR B 80 -18.19 1.92 10.07
C TYR B 80 -17.69 1.92 11.54
N ALA B 81 -16.89 2.94 11.88
CA ALA B 81 -16.41 3.09 13.27
C ALA B 81 -17.53 3.12 14.31
N TRP B 82 -18.60 3.87 14.01
CA TRP B 82 -19.74 3.98 14.97
C TRP B 82 -20.42 2.65 15.13
N ALA B 83 -20.49 1.89 14.02
CA ALA B 83 -21.15 0.59 14.06
C ALA B 83 -20.36 -0.32 14.98
N LYS B 84 -19.03 -0.30 14.82
CA LYS B 84 -18.16 -1.12 15.70
C LYS B 84 -18.28 -0.71 17.18
N GLU B 85 -18.16 0.59 17.43
CA GLU B 85 -18.22 1.15 18.77
C GLU B 85 -19.56 0.84 19.47
N GLN B 86 -20.64 0.98 18.73
CA GLN B 86 -21.97 0.66 19.27
C GLN B 86 -22.16 -0.84 19.59
N ALA B 87 -21.35 -1.70 18.98
CA ALA B 87 -21.37 -3.14 19.29
C ALA B 87 -20.39 -3.50 20.42
N GLY B 88 -19.75 -2.48 20.99
CA GLY B 88 -18.77 -2.68 22.05
C GLY B 88 -17.42 -3.16 21.59
N GLU B 89 -17.15 -3.03 20.30
CA GLU B 89 -15.86 -3.40 19.72
C GLU B 89 -14.96 -2.17 19.55
N VAL B 90 -13.66 -2.42 19.41
CA VAL B 90 -12.69 -1.34 19.20
C VAL B 90 -12.67 -0.93 17.72
N SER B 91 -12.87 0.35 17.43
CA SER B 91 -12.85 0.82 16.06
C SER B 91 -11.44 1.21 15.63
N HIS B 92 -11.24 1.23 14.31
CA HIS B 92 -10.02 1.78 13.74
C HIS B 92 -9.79 3.27 14.09
N GLU B 93 -10.88 4.02 14.32
CA GLU B 93 -10.79 5.42 14.77
C GLU B 93 -10.26 5.57 16.18
N PHE B 95 -8.25 3.50 17.55
CA PHE B 95 -6.86 3.12 17.37
C PHE B 95 -6.06 4.26 16.73
N GLY B 96 -6.60 4.83 15.66
CA GLY B 96 -5.99 6.01 15.01
C GLY B 96 -5.87 7.22 15.92
N ASP B 97 -6.89 7.46 16.74
CA ASP B 97 -6.87 8.53 17.75
C ASP B 97 -5.75 8.30 18.78
N TRP B 98 -5.59 7.05 19.23
CA TRP B 98 -4.48 6.68 20.11
C TRP B 98 -3.11 6.96 19.48
N HIS B 100 -2.54 9.19 16.97
CA HIS B 100 -2.50 10.63 16.79
C HIS B 100 -2.14 11.37 18.09
N ARG B 101 -2.87 11.11 19.16
CA ARG B 101 -2.68 11.83 20.40
C ARG B 101 -1.34 11.50 21.05
N ASN B 102 -0.72 10.41 20.62
CA ASN B 102 0.62 10.07 21.09
C ASN B 102 1.72 10.32 20.09
N ASN B 103 1.38 11.01 19.00
N ASN B 103 1.36 10.98 18.99
CA ASN B 103 2.30 11.31 17.89
CA ASN B 103 2.32 11.30 17.95
C ASN B 103 3.08 10.11 17.34
C ASN B 103 3.12 10.05 17.57
N LEU B 104 2.40 8.97 17.26
CA LEU B 104 3.02 7.71 16.84
C LEU B 104 2.93 7.54 15.34
N SER B 105 3.97 6.95 14.75
CA SER B 105 3.98 6.46 13.37
C SER B 105 3.76 4.94 13.37
N LEU B 106 3.70 4.33 12.18
CA LEU B 106 3.69 2.86 12.07
C LEU B 106 4.85 2.25 12.88
N THR B 107 6.05 2.83 12.74
CA THR B 107 7.23 2.36 13.48
C THR B 107 7.08 2.45 14.99
N THR B 108 6.77 3.64 15.51
CA THR B 108 6.76 3.86 16.95
C THR B 108 5.51 3.18 17.58
N ALA B 109 4.40 3.09 16.83
CA ALA B 109 3.24 2.33 17.34
C ALA B 109 3.56 0.83 17.42
N ALA B 110 4.22 0.31 16.40
CA ALA B 110 4.62 -1.11 16.41
C ALA B 110 5.56 -1.41 17.57
N GLU B 111 6.55 -0.54 17.76
N GLU B 111 6.57 -0.56 17.78
CA GLU B 111 7.48 -0.67 18.88
CA GLU B 111 7.48 -0.75 18.91
C GLU B 111 6.77 -0.57 20.22
C GLU B 111 6.78 -0.56 20.26
N ALA B 112 5.87 0.41 20.33
CA ALA B 112 5.07 0.62 21.53
C ALA B 112 4.35 -0.66 21.95
N LEU B 113 3.64 -1.30 21.01
CA LEU B 113 2.76 -2.42 21.32
C LEU B 113 3.46 -3.79 21.26
N GLY B 114 4.61 -3.83 20.62
CA GLY B 114 5.29 -5.10 20.36
C GLY B 114 4.60 -5.95 19.31
N ILE B 115 4.17 -5.33 18.22
CA ILE B 115 3.58 -6.02 17.06
C ILE B 115 4.24 -5.48 15.79
N SER B 116 3.90 -6.03 14.63
CA SER B 116 4.56 -5.61 13.39
C SER B 116 3.98 -4.29 12.86
N ARG B 117 4.77 -3.56 12.06
CA ARG B 117 4.28 -2.34 11.41
C ARG B 117 3.11 -2.67 10.50
N ARG B 118 3.16 -3.84 9.85
CA ARG B 118 2.06 -4.25 9.00
C ARG B 118 0.76 -4.37 9.79
N VAL B 120 -0.04 -2.94 12.69
CA VAL B 120 -0.45 -1.57 13.00
C VAL B 120 -1.26 -0.96 11.83
N SER B 121 -0.70 -1.02 10.63
CA SER B 121 -1.41 -0.56 9.43
C SER B 121 -2.76 -1.26 9.22
N TYR B 122 -2.80 -2.58 9.37
CA TYR B 122 -4.07 -3.30 9.18
C TYR B 122 -5.17 -2.83 10.12
N TYR B 123 -4.79 -2.63 11.38
CA TYR B 123 -5.71 -2.11 12.41
C TYR B 123 -6.13 -0.67 12.10
N ARG B 124 -5.14 0.16 11.74
CA ARG B 124 -5.37 1.57 11.45
C ARG B 124 -6.36 1.77 10.29
N THR B 125 -6.25 0.91 9.26
CA THR B 125 -6.97 1.07 8.01
C THR B 125 -8.25 0.20 7.96
N ALA B 126 -8.58 -0.45 9.09
CA ALA B 126 -9.79 -1.31 9.23
C ALA B 126 -9.72 -2.53 8.30
N HIS B 127 -8.49 -2.98 8.01
CA HIS B 127 -8.25 -4.16 7.16
C HIS B 127 -8.36 -5.43 8.03
N LYS B 128 -8.14 -5.27 9.33
N LYS B 128 -8.15 -5.29 9.34
CA LYS B 128 -8.31 -6.35 10.32
CA LYS B 128 -8.31 -6.40 10.28
C LYS B 128 -9.03 -5.83 11.56
C LYS B 128 -8.95 -5.89 11.58
N ILE B 129 -9.95 -6.62 12.08
CA ILE B 129 -10.62 -6.18 13.31
C ILE B 129 -9.63 -6.16 14.46
N ILE B 130 -9.79 -5.19 15.34
CA ILE B 130 -8.84 -4.96 16.42
C ILE B 130 -9.23 -5.77 17.68
N PRO B 131 -8.39 -6.73 18.08
CA PRO B 131 -8.78 -7.51 19.26
C PRO B 131 -8.78 -6.65 20.55
N ARG B 132 -9.64 -7.03 21.49
CA ARG B 132 -9.66 -6.44 22.84
C ARG B 132 -8.24 -6.36 23.45
N THR B 133 -7.46 -7.43 23.33
CA THR B 133 -6.09 -7.47 23.88
C THR B 133 -5.20 -6.29 23.36
N ILE B 134 -5.33 -5.97 22.08
CA ILE B 134 -4.54 -4.91 21.45
C ILE B 134 -4.96 -3.55 22.01
N TRP B 135 -6.26 -3.30 22.08
CA TRP B 135 -6.73 -2.04 22.65
C TRP B 135 -6.32 -1.85 24.13
N LEU B 136 -6.44 -2.90 24.94
CA LEU B 136 -5.95 -2.84 26.31
C LEU B 136 -4.44 -2.50 26.32
N ALA B 137 -3.68 -3.10 25.40
CA ALA B 137 -2.25 -2.77 25.27
C ALA B 137 -2.01 -1.31 24.92
N CYS B 138 -2.82 -0.74 24.03
CA CYS B 138 -2.73 0.71 23.71
C CYS B 138 -2.88 1.54 24.98
N LEU B 139 -3.91 1.23 25.77
CA LEU B 139 -4.21 1.95 27.01
C LEU B 139 -3.13 1.73 28.09
N GLY B 140 -2.61 0.51 28.18
CA GLY B 140 -1.53 0.22 29.11
C GLY B 140 -0.24 0.94 28.77
N TRP B 141 0.08 0.99 27.48
CA TRP B 141 1.25 1.73 27.04
C TRP B 141 1.08 3.22 27.38
N GLU B 142 -0.11 3.75 27.15
CA GLU B 142 -0.40 5.16 27.50
C GLU B 142 -0.27 5.45 28.98
N ALA B 143 -0.59 4.47 29.82
CA ALA B 143 -0.56 4.62 31.26
C ALA B 143 0.84 4.58 31.85
N THR B 144 1.78 3.99 31.12
CA THR B 144 3.13 3.76 31.62
C THR B 144 4.13 4.56 30.79
N ARG B 145 3.80 4.75 29.50
CA ARG B 145 4.68 5.36 28.50
C ARG B 145 6.16 5.11 28.81
N PRO B 146 6.61 3.84 28.67
CA PRO B 146 7.94 3.46 29.12
C PRO B 146 9.03 4.23 28.35
N GLU B 147 9.95 4.82 29.11
CA GLU B 147 11.07 5.58 28.53
C GLU B 147 12.21 4.64 28.17
N THR B 148 12.08 3.41 28.66
CA THR B 148 12.97 2.31 28.32
C THR B 148 12.13 1.24 27.61
N LYS B 149 12.78 0.22 27.07
CA LYS B 149 12.06 -0.93 26.53
C LYS B 149 11.40 -1.76 27.64
N THR B 150 11.98 -1.73 28.85
CA THR B 150 11.44 -2.56 29.96
C THR B 150 10.22 -1.93 30.62
N LEU B 151 9.22 -2.77 30.84
CA LEU B 151 7.93 -2.31 31.34
C LEU B 151 7.86 -2.47 32.87
N PRO B 152 7.09 -1.60 33.55
CA PRO B 152 6.99 -1.64 35.00
C PRO B 152 6.08 -2.77 35.49
N ARG B 153 6.22 -3.12 36.78
CA ARG B 153 5.44 -4.20 37.40
C ARG B 153 4.02 -3.72 37.72
N THR B 154 3.86 -2.41 37.86
CA THR B 154 2.58 -1.83 38.25
C THR B 154 2.36 -0.51 37.51
N LEU B 155 1.17 0.05 37.68
CA LEU B 155 0.84 1.35 37.09
C LEU B 155 1.54 2.43 37.92
N PRO B 156 1.80 3.60 37.33
CA PRO B 156 2.33 4.69 38.17
C PRO B 156 1.26 5.19 39.13
N ALA B 157 1.69 5.85 40.21
CA ALA B 157 0.72 6.41 41.17
C ALA B 157 -0.06 7.58 40.58
#